data_8V5Q
#
_entry.id   8V5Q
#
_cell.length_a   44.621
_cell.length_b   193.755
_cell.length_c   179.854
_cell.angle_alpha   90.00
_cell.angle_beta   90.00
_cell.angle_gamma   90.00
#
_symmetry.space_group_name_H-M   'C 2 2 21'
#
loop_
_entity.id
_entity.type
_entity.pdbx_description
1 polymer 'Fab 1E3 Heavy Chain'
2 polymer 'Fab 1E3 Light Chain'
3 polymer 'Envelope glycoprotein E'
4 non-polymer DI(HYDROXYETHYL)ETHER
5 non-polymer 'SULFATE ION'
6 water water
#
loop_
_entity_poly.entity_id
_entity_poly.type
_entity_poly.pdbx_seq_one_letter_code
_entity_poly.pdbx_strand_id
1 'polypeptide(L)'
;QVQLQESGPGLVKPSQTLSLTCTVSGGSISSNDYYWTWIRQSPGKGLEWIGFISYNGDTYYNPSLKRRGTISVDTSKIQF
SLRLSSVTAADTAVYYCARVRTSSTTSYYFDYWGQGTLVTVSSAASTKGPSVFPLAPSSKSTSGGTAALGCLVKDYFPEP
VTVSWNSGALTSGVHTFPAVLQSSGLYSLSSVVTVPSSSLGTQTYICNVNHKPSNTKVDKRVEPKSCDKGSENLYFQGSH
HHHHH
;
H
2 'polypeptide(L)'
;DIQMTQSPSSLSASVGDRVTITCRASQGIRNYLNWYQQKPGKAPMLLIYGASSLQNGVPSRFSGSGSGTEFTLTISSLQP
EDFATYYCQQSYRTLTFGPGTKVDIKRTVAAPSVFIFPPSDEQLKSGTASVVCLLNNFYPREAKVQWKVDNALQSGNSQE
SVTEQDSKDSTYSLSSTLTLSKADYEKHKVYACEVTHQGLSSPVTKSFNRGEC
;
L
3 'polypeptide(L)'
;IVNVDQRQYGDVFKGDLNPKPQGQRLIEVSVEENHPFTLRAPIQRIYGVRYTETWSFLPSLTCTGDAAPAIQHICLKHTT
CFQDVVVDVDCAENTKEDQLAEISYRFQGKKEADQPWIVVNTSTLFDELELDPPEIEPGVLKVLRTEKQYLGVYIWNMRG
SDGTSTYATFLVTWKGDEKTRNPTPAVTPQENLYFQGHHHHHH
;
G
#
# COMPACT_ATOMS: atom_id res chain seq x y z
N GLN A 1 14.98 14.52 -6.89
CA GLN A 1 13.61 14.42 -7.36
C GLN A 1 12.64 14.64 -6.20
N VAL A 2 11.34 14.68 -6.49
CA VAL A 2 10.36 14.93 -5.45
C VAL A 2 10.24 13.70 -4.56
N GLN A 3 10.05 13.97 -3.26
CA GLN A 3 9.93 12.89 -2.27
C GLN A 3 8.70 13.16 -1.39
N LEU A 4 8.02 12.11 -0.95
CA LEU A 4 6.81 12.19 -0.14
C LEU A 4 6.97 11.31 1.08
N GLN A 5 6.50 11.81 2.22
CA GLN A 5 6.55 11.11 3.50
C GLN A 5 5.21 11.13 4.22
N GLU A 6 4.63 9.94 4.45
CA GLU A 6 3.42 9.86 5.27
C GLU A 6 3.76 9.82 6.75
N SER A 7 2.77 10.21 7.55
CA SER A 7 2.84 10.17 9.00
C SER A 7 1.42 10.16 9.54
N GLY A 8 1.19 9.34 10.56
CA GLY A 8 -0.10 9.25 11.17
C GLY A 8 -0.16 8.10 12.15
N PRO A 9 -1.31 7.96 12.83
CA PRO A 9 -1.46 6.88 13.80
C PRO A 9 -1.34 5.51 13.15
N GLY A 10 -0.93 4.53 13.94
CA GLY A 10 -1.00 3.17 13.48
C GLY A 10 -2.30 2.51 13.88
N LEU A 11 -2.83 2.91 15.04
CA LEU A 11 -4.08 2.28 15.58
C LEU A 11 -5.19 3.34 15.72
N VAL A 12 -6.36 3.06 15.16
CA VAL A 12 -7.54 3.97 15.28
C VAL A 12 -8.72 3.10 15.70
N LYS A 13 -9.54 3.61 16.61
CA LYS A 13 -10.68 2.80 17.10
C LYS A 13 -11.83 2.93 16.11
N PRO A 14 -12.65 1.88 15.95
CA PRO A 14 -13.81 1.96 15.06
C PRO A 14 -14.70 3.16 15.37
N SER A 15 -15.28 3.78 14.33
CA SER A 15 -16.17 4.96 14.46
C SER A 15 -15.38 6.27 14.62
N GLN A 16 -14.08 6.18 14.86
CA GLN A 16 -13.25 7.39 14.95
C GLN A 16 -12.81 7.87 13.55
N THR A 17 -12.00 8.91 13.50
CA THR A 17 -11.57 9.46 12.21
C THR A 17 -10.09 9.23 12.01
N LEU A 18 -9.74 8.50 10.98
CA LEU A 18 -8.32 8.28 10.63
C LEU A 18 -7.79 9.61 10.08
N SER A 19 -6.61 10.00 10.52
CA SER A 19 -6.00 11.26 10.06
C SER A 19 -4.54 11.00 9.68
N LEU A 20 -4.16 11.37 8.47
CA LEU A 20 -2.79 11.13 7.99
C LEU A 20 -2.27 12.39 7.34
N THR A 21 -0.96 12.58 7.37
CA THR A 21 -0.36 13.74 6.73
C THR A 21 0.77 13.32 5.83
N CYS A 22 0.78 13.83 4.61
CA CYS A 22 1.87 13.64 3.68
C CYS A 22 2.62 14.94 3.55
N THR A 23 3.95 14.87 3.69
CA THR A 23 4.84 16.00 3.56
C THR A 23 5.68 15.84 2.30
N VAL A 24 5.75 16.90 1.51
CA VAL A 24 6.35 16.87 0.19
C VAL A 24 7.65 17.67 0.24
N SER A 25 8.73 17.06 -0.24
CA SER A 25 10.01 17.74 -0.30
C SER A 25 10.62 17.56 -1.68
N GLY A 26 11.58 18.42 -2.01
CA GLY A 26 12.10 18.43 -3.37
C GLY A 26 11.15 19.00 -4.40
N GLY A 27 10.08 19.65 -3.97
CA GLY A 27 9.12 20.25 -4.88
C GLY A 27 8.12 21.05 -4.08
N SER A 28 7.16 21.64 -4.78
CA SER A 28 6.13 22.45 -4.15
C SER A 28 4.77 22.11 -4.76
N ILE A 29 3.74 22.70 -4.18
CA ILE A 29 2.34 22.43 -4.54
C ILE A 29 1.76 23.75 -4.99
N SER A 30 1.94 24.08 -6.28
CA SER A 30 1.54 25.41 -6.75
C SER A 30 1.24 25.46 -8.25
N SER A 31 0.94 24.31 -8.85
CA SER A 31 0.75 24.25 -10.33
C SER A 31 -0.21 23.15 -10.76
N ASN A 32 -1.14 23.47 -11.66
CA ASN A 32 -2.04 22.46 -12.24
C ASN A 32 -1.31 21.43 -13.10
N ASP A 33 0.03 21.45 -13.08
CA ASP A 33 0.79 20.36 -13.65
C ASP A 33 0.70 19.10 -12.79
N TYR A 34 0.27 19.22 -11.53
CA TYR A 34 0.32 18.10 -10.60
C TYR A 34 -0.92 18.11 -9.73
N TYR A 35 -1.31 16.91 -9.32
CA TYR A 35 -2.37 16.70 -8.33
C TYR A 35 -1.79 15.80 -7.24
N TRP A 36 -2.44 15.74 -6.08
CA TRP A 36 -1.85 15.11 -4.92
C TRP A 36 -2.84 14.13 -4.34
N THR A 37 -2.46 12.85 -4.29
CA THR A 37 -3.48 11.81 -4.13
C THR A 37 -3.20 10.96 -2.90
N TRP A 38 -4.27 10.30 -2.47
CA TRP A 38 -4.23 9.23 -1.49
C TRP A 38 -4.77 7.95 -2.14
N ILE A 39 -4.03 6.85 -1.89
CA ILE A 39 -4.26 5.49 -2.39
C ILE A 39 -4.08 4.55 -1.21
N ARG A 40 -4.84 3.46 -1.14
CA ARG A 40 -4.58 2.50 -0.07
C ARG A 40 -4.53 1.08 -0.63
N GLN A 41 -3.96 0.18 0.19
CA GLN A 41 -3.74 -1.21 -0.21
C GLN A 41 -4.08 -2.13 0.95
N SER A 42 -5.01 -3.05 0.74
CA SER A 42 -5.32 -4.04 1.75
C SER A 42 -5.26 -5.42 1.12
N PRO A 43 -4.65 -6.41 1.81
CA PRO A 43 -4.60 -7.80 1.31
C PRO A 43 -5.84 -8.24 0.55
N GLY A 44 -7.01 -7.92 1.08
CA GLY A 44 -8.25 -8.32 0.45
C GLY A 44 -8.60 -7.51 -0.77
N LYS A 45 -8.68 -6.19 -0.61
CA LYS A 45 -9.28 -5.30 -1.60
C LYS A 45 -8.28 -4.68 -2.57
N GLY A 46 -7.03 -5.17 -2.58
CA GLY A 46 -6.04 -4.65 -3.50
C GLY A 46 -5.78 -3.16 -3.32
N LEU A 47 -5.31 -2.54 -4.41
CA LEU A 47 -5.03 -1.11 -4.42
C LEU A 47 -6.28 -0.33 -4.77
N GLU A 48 -6.54 0.75 -4.03
CA GLU A 48 -7.76 1.53 -4.22
C GLU A 48 -7.41 3.01 -4.23
N TRP A 49 -7.84 3.73 -5.26
CA TRP A 49 -7.69 5.19 -5.29
C TRP A 49 -8.71 5.82 -4.35
N ILE A 50 -8.24 6.71 -3.48
CA ILE A 50 -9.15 7.40 -2.55
C ILE A 50 -9.58 8.74 -3.12
N GLY A 51 -8.61 9.57 -3.49
CA GLY A 51 -8.99 10.87 -4.05
C GLY A 51 -7.74 11.71 -4.25
N PHE A 52 -7.92 12.84 -4.94
CA PHE A 52 -6.79 13.78 -5.01
C PHE A 52 -7.25 15.23 -4.93
N ILE A 53 -6.27 16.11 -4.72
CA ILE A 53 -6.50 17.55 -4.55
C ILE A 53 -5.60 18.30 -5.52
N SER A 54 -6.11 19.40 -6.07
CA SER A 54 -5.31 20.26 -6.91
C SER A 54 -4.65 21.34 -6.06
N TYR A 55 -3.75 22.10 -6.68
CA TYR A 55 -2.99 23.09 -5.92
C TYR A 55 -3.89 24.20 -5.40
N ASN A 56 -4.92 24.57 -6.16
CA ASN A 56 -5.96 25.51 -5.74
C ASN A 56 -6.95 24.94 -4.72
N GLY A 57 -6.85 23.66 -4.38
CA GLY A 57 -7.68 23.10 -3.33
C GLY A 57 -8.91 22.37 -3.79
N ASP A 58 -9.16 22.30 -5.09
CA ASP A 58 -10.25 21.48 -5.62
C ASP A 58 -9.98 20.00 -5.34
N THR A 59 -10.94 19.31 -4.73
CA THR A 59 -10.83 17.88 -4.43
C THR A 59 -11.72 17.04 -5.33
N TYR A 60 -11.28 15.79 -5.61
CA TYR A 60 -12.05 14.83 -6.40
C TYR A 60 -11.91 13.46 -5.76
N TYR A 61 -13.03 12.76 -5.52
CA TYR A 61 -12.98 11.56 -4.69
C TYR A 61 -13.51 10.33 -5.42
N ASN A 62 -12.97 9.16 -5.02
CA ASN A 62 -13.59 7.90 -5.40
C ASN A 62 -14.96 7.81 -4.72
N PRO A 63 -16.06 7.65 -5.46
CA PRO A 63 -17.38 7.57 -4.80
C PRO A 63 -17.49 6.42 -3.82
N SER A 64 -16.63 5.41 -3.94
CA SER A 64 -16.72 4.22 -3.10
C SER A 64 -16.52 4.54 -1.63
N LEU A 65 -15.86 5.64 -1.33
CA LEU A 65 -15.63 5.99 0.06
C LEU A 65 -16.81 6.73 0.68
N LYS A 66 -17.89 6.91 -0.10
CA LYS A 66 -19.15 7.45 0.41
C LYS A 66 -18.97 8.79 1.08
N ARG A 67 -18.11 9.64 0.51
CA ARG A 67 -17.82 10.98 1.03
C ARG A 67 -17.32 10.95 2.47
N ARG A 68 -16.80 9.80 2.93
CA ARG A 68 -16.20 9.74 4.26
C ARG A 68 -14.78 10.31 4.27
N GLY A 69 -14.16 10.51 3.11
CA GLY A 69 -12.81 11.02 3.03
C GLY A 69 -12.78 12.51 2.70
N THR A 70 -11.93 13.23 3.40
CA THR A 70 -11.68 14.64 3.15
C THR A 70 -10.18 14.83 2.93
N ILE A 71 -9.82 15.38 1.79
CA ILE A 71 -8.43 15.71 1.50
C ILE A 71 -8.28 17.22 1.62
N SER A 72 -7.23 17.64 2.29
CA SER A 72 -6.98 19.06 2.43
C SER A 72 -5.52 19.33 2.11
N VAL A 73 -5.21 20.59 1.81
CA VAL A 73 -3.84 20.94 1.42
C VAL A 73 -3.44 22.14 2.24
N ASP A 74 -2.19 22.18 2.65
CA ASP A 74 -1.63 23.40 3.20
C ASP A 74 -0.35 23.63 2.42
N THR A 75 -0.50 24.44 1.37
CA THR A 75 0.59 24.72 0.44
C THR A 75 1.74 25.40 1.16
N SER A 76 1.43 26.19 2.18
CA SER A 76 2.51 26.84 2.97
C SER A 76 3.53 25.79 3.43
N LYS A 77 3.07 24.78 4.17
CA LYS A 77 4.03 23.78 4.73
C LYS A 77 4.31 22.69 3.69
N ILE A 78 3.90 22.91 2.44
CA ILE A 78 4.06 21.86 1.39
C ILE A 78 3.57 20.54 1.99
N GLN A 79 2.35 20.53 2.49
CA GLN A 79 1.76 19.32 3.05
C GLN A 79 0.36 19.13 2.50
N PHE A 80 -0.09 17.89 2.49
CA PHE A 80 -1.51 17.65 2.26
C PHE A 80 -1.90 16.46 3.12
N SER A 81 -3.19 16.36 3.39
CA SER A 81 -3.62 15.37 4.40
C SER A 81 -4.91 14.66 4.05
N LEU A 82 -5.17 13.55 4.75
CA LEU A 82 -6.40 12.77 4.53
C LEU A 82 -7.14 12.60 5.86
N ARG A 83 -8.44 12.79 5.85
CA ARG A 83 -9.27 12.49 7.04
C ARG A 83 -10.35 11.50 6.58
N LEU A 84 -10.35 10.28 7.12
CA LEU A 84 -11.40 9.28 6.78
C LEU A 84 -12.28 9.09 8.01
N SER A 85 -13.56 9.42 7.89
CA SER A 85 -14.49 9.39 9.04
C SER A 85 -15.16 8.02 9.23
N SER A 86 -15.75 7.81 10.41
CA SER A 86 -16.50 6.57 10.69
C SER A 86 -15.75 5.34 10.20
N VAL A 87 -14.56 5.11 10.73
CA VAL A 87 -13.72 3.99 10.22
C VAL A 87 -14.21 2.64 10.74
N THR A 88 -14.07 1.60 9.92
CA THR A 88 -14.41 0.23 10.33
C THR A 88 -13.20 -0.63 10.05
N ALA A 89 -13.20 -1.87 10.52
CA ALA A 89 -12.10 -2.78 10.23
C ALA A 89 -11.78 -2.84 8.74
N ALA A 90 -12.79 -2.63 7.88
CA ALA A 90 -12.54 -2.67 6.45
C ALA A 90 -11.61 -1.57 5.96
N ASP A 91 -11.36 -0.56 6.79
CA ASP A 91 -10.42 0.50 6.46
C ASP A 91 -8.99 0.22 6.91
N THR A 92 -8.73 -0.92 7.55
CA THR A 92 -7.35 -1.32 7.82
C THR A 92 -6.60 -1.49 6.50
N ALA A 93 -5.44 -0.83 6.38
CA ALA A 93 -4.73 -0.85 5.11
C ALA A 93 -3.41 -0.07 5.22
N VAL A 94 -2.60 -0.21 4.18
CA VAL A 94 -1.39 0.64 4.06
C VAL A 94 -1.85 1.86 3.24
N TYR A 95 -1.69 3.04 3.80
CA TYR A 95 -2.13 4.28 3.12
C TYR A 95 -0.92 4.95 2.49
N TYR A 96 -1.07 5.29 1.23
CA TYR A 96 0.03 5.94 0.49
C TYR A 96 -0.36 7.28 -0.07
N CYS A 97 0.52 8.25 0.04
CA CYS A 97 0.35 9.50 -0.67
C CYS A 97 1.20 9.46 -1.93
N ALA A 98 0.74 10.15 -2.98
CA ALA A 98 1.50 10.12 -4.23
C ALA A 98 1.25 11.38 -5.05
N ARG A 99 2.13 11.63 -6.00
CA ARG A 99 1.98 12.75 -6.93
C ARG A 99 1.34 12.24 -8.21
N VAL A 100 0.48 13.05 -8.82
CA VAL A 100 -0.25 12.68 -10.03
C VAL A 100 0.12 13.67 -11.12
N ARG A 101 0.44 13.15 -12.30
CA ARG A 101 0.58 13.94 -13.51
C ARG A 101 -0.54 13.56 -14.47
N THR A 102 -0.73 14.39 -15.49
CA THR A 102 -1.71 14.05 -16.51
C THR A 102 -1.23 14.65 -17.81
N SER A 103 -1.89 14.27 -18.90
CA SER A 103 -1.61 14.91 -20.18
C SER A 103 -2.77 14.60 -21.10
N SER A 104 -2.86 15.34 -22.20
CA SER A 104 -3.97 15.15 -23.12
C SER A 104 -3.96 13.77 -23.79
N THR A 105 -2.79 13.10 -23.85
CA THR A 105 -2.67 11.79 -24.50
C THR A 105 -2.47 10.62 -23.54
N THR A 106 -2.43 10.86 -22.23
CA THR A 106 -2.18 9.77 -21.29
C THR A 106 -3.20 9.73 -20.16
N SER A 107 -3.81 10.89 -19.84
CA SER A 107 -4.59 11.03 -18.61
C SER A 107 -3.69 10.78 -17.40
N TYR A 108 -4.26 10.47 -16.23
CA TYR A 108 -3.56 10.55 -14.96
C TYR A 108 -2.64 9.36 -14.74
N TYR A 109 -1.51 9.62 -14.10
CA TYR A 109 -0.65 8.55 -13.61
C TYR A 109 0.10 9.00 -12.37
N PHE A 110 0.49 8.02 -11.54
CA PHE A 110 1.06 8.30 -10.20
C PHE A 110 2.58 8.12 -10.30
N ASP A 111 3.33 9.23 -10.45
CA ASP A 111 4.74 9.11 -10.81
C ASP A 111 5.69 9.03 -9.61
N TYR A 112 5.31 9.54 -8.43
CA TYR A 112 6.15 9.38 -7.23
C TYR A 112 5.26 9.06 -6.03
N TRP A 113 5.72 8.14 -5.17
CA TRP A 113 4.91 7.60 -4.08
C TRP A 113 5.66 7.73 -2.77
N GLY A 114 4.91 8.00 -1.69
CA GLY A 114 5.44 7.85 -0.36
C GLY A 114 5.62 6.39 0.00
N GLN A 115 6.29 6.14 1.13
CA GLN A 115 6.57 4.74 1.48
C GLN A 115 5.39 3.99 2.07
N GLY A 116 4.30 4.66 2.42
CA GLY A 116 3.16 3.95 2.94
C GLY A 116 3.13 3.88 4.46
N THR A 117 1.95 3.98 5.06
CA THR A 117 1.80 3.87 6.51
C THR A 117 0.67 2.88 6.78
N LEU A 118 0.94 1.89 7.62
CA LEU A 118 -0.10 0.89 7.98
C LEU A 118 -0.99 1.46 9.08
N VAL A 119 -2.28 1.53 8.80
CA VAL A 119 -3.27 2.02 9.81
C VAL A 119 -4.18 0.83 10.15
N THR A 120 -4.19 0.43 11.42
CA THR A 120 -5.01 -0.71 11.86
C THR A 120 -6.20 -0.19 12.63
N VAL A 121 -7.40 -0.55 12.20
CA VAL A 121 -8.64 -0.18 12.86
C VAL A 121 -9.04 -1.33 13.77
N SER A 122 -9.02 -1.09 15.07
CA SER A 122 -9.30 -2.17 16.01
C SER A 122 -9.80 -1.56 17.31
N SER A 123 -10.70 -2.29 17.96
CA SER A 123 -11.21 -1.89 19.27
C SER A 123 -10.28 -2.29 20.41
N ALA A 124 -9.08 -2.76 20.09
CA ALA A 124 -8.11 -3.09 21.15
C ALA A 124 -7.80 -1.84 21.96
N ALA A 125 -7.58 -2.01 23.27
CA ALA A 125 -7.32 -0.86 24.16
C ALA A 125 -5.83 -0.54 24.15
N SER A 126 -5.45 0.52 23.45
CA SER A 126 -4.03 0.99 23.41
C SER A 126 -3.08 0.07 22.63
N THR A 127 -1.96 0.65 22.23
CA THR A 127 -0.91 -0.11 21.54
C THR A 127 0.02 -0.71 22.58
N LYS A 128 0.93 -1.60 22.18
CA LYS A 128 1.94 -2.13 23.13
C LYS A 128 3.29 -2.25 22.43
N GLY A 129 4.36 -1.77 23.07
CA GLY A 129 5.68 -1.86 22.50
C GLY A 129 6.34 -3.21 22.76
N PRO A 130 7.37 -3.51 21.98
CA PRO A 130 7.95 -4.86 22.02
C PRO A 130 9.00 -5.05 23.10
N SER A 131 9.10 -6.28 23.57
CA SER A 131 10.30 -6.75 24.26
C SER A 131 11.27 -7.34 23.23
N VAL A 132 12.56 -7.11 23.43
CA VAL A 132 13.58 -7.56 22.48
C VAL A 132 14.57 -8.45 23.23
N PHE A 133 14.78 -9.67 22.72
CA PHE A 133 15.69 -10.61 23.35
C PHE A 133 16.77 -11.01 22.36
N PRO A 134 17.99 -11.30 22.83
CA PRO A 134 19.06 -11.71 21.91
C PRO A 134 18.83 -13.11 21.38
N LEU A 135 19.23 -13.31 20.12
CA LEU A 135 19.47 -14.63 19.54
C LEU A 135 20.98 -14.71 19.42
N ALA A 136 21.62 -15.25 20.45
CA ALA A 136 23.07 -15.17 20.57
C ALA A 136 23.75 -16.06 19.54
N PRO A 137 24.88 -15.62 18.98
CA PRO A 137 25.62 -16.48 18.04
C PRO A 137 26.29 -17.62 18.77
N SER A 138 26.57 -18.69 18.02
CA SER A 138 27.45 -19.75 18.49
C SER A 138 28.89 -19.40 18.15
N GLY A 145 33.53 -20.50 10.25
CA GLY A 145 33.30 -19.71 9.06
C GLY A 145 32.30 -18.56 9.24
N THR A 146 31.03 -18.84 9.02
CA THR A 146 29.99 -17.82 9.10
C THR A 146 29.09 -18.10 10.29
N ALA A 147 28.76 -17.06 11.05
CA ALA A 147 27.91 -17.20 12.23
C ALA A 147 26.63 -16.40 12.03
N ALA A 148 25.58 -16.81 12.73
CA ALA A 148 24.30 -16.13 12.64
C ALA A 148 23.92 -15.60 14.02
N LEU A 149 23.36 -14.39 14.05
CA LEU A 149 22.86 -13.84 15.31
C LEU A 149 21.59 -13.08 15.00
N GLY A 150 20.85 -12.71 16.04
CA GLY A 150 19.64 -11.97 15.75
C GLY A 150 19.00 -11.39 16.98
N CYS A 151 17.79 -10.90 16.77
CA CYS A 151 16.94 -10.34 17.81
C CYS A 151 15.54 -10.92 17.65
N LEU A 152 14.97 -11.35 18.77
CA LEU A 152 13.59 -11.79 18.82
C LEU A 152 12.74 -10.64 19.36
N VAL A 153 11.80 -10.16 18.55
CA VAL A 153 10.99 -9.00 18.87
C VAL A 153 9.58 -9.50 19.16
N LYS A 154 9.17 -9.41 20.42
CA LYS A 154 8.02 -10.14 20.95
C LYS A 154 6.99 -9.19 21.53
N ASP A 155 5.72 -9.53 21.31
CA ASP A 155 4.61 -9.05 22.13
C ASP A 155 4.36 -7.55 21.96
N TYR A 156 4.17 -7.15 20.71
CA TYR A 156 3.82 -5.78 20.37
C TYR A 156 2.51 -5.76 19.58
N PHE A 157 1.88 -4.57 19.58
CA PHE A 157 0.61 -4.42 18.87
C PHE A 157 0.37 -2.95 18.62
N PRO A 158 -0.12 -2.57 17.44
CA PRO A 158 -0.37 -3.40 16.26
C PRO A 158 0.91 -3.47 15.47
N GLU A 159 0.87 -4.00 14.26
CA GLU A 159 1.99 -3.87 13.35
C GLU A 159 2.12 -2.40 12.94
N PRO A 160 3.30 -1.99 12.44
CA PRO A 160 4.50 -2.79 12.20
C PRO A 160 5.63 -2.41 13.11
N VAL A 161 6.69 -3.20 12.96
CA VAL A 161 7.98 -2.86 13.63
C VAL A 161 9.01 -2.86 12.51
N THR A 162 9.97 -1.97 12.58
CA THR A 162 11.08 -1.95 11.64
C THR A 162 12.36 -2.29 12.39
N VAL A 163 13.24 -3.07 11.77
CA VAL A 163 14.48 -3.46 12.43
C VAL A 163 15.64 -3.07 11.54
N SER A 164 16.58 -2.32 12.10
CA SER A 164 17.89 -2.11 11.47
C SER A 164 18.96 -2.75 12.34
N TRP A 165 20.17 -2.85 11.80
CA TRP A 165 21.33 -3.32 12.54
C TRP A 165 22.43 -2.25 12.50
N ASN A 166 23.01 -1.99 13.67
CA ASN A 166 24.07 -0.98 13.83
C ASN A 166 23.67 0.34 13.18
N SER A 167 22.46 0.79 13.53
CA SER A 167 21.94 2.09 13.11
C SER A 167 21.95 2.24 11.59
N GLY A 168 21.70 1.15 10.88
CA GLY A 168 21.65 1.17 9.45
C GLY A 168 22.97 0.89 8.76
N ALA A 169 24.06 0.76 9.50
CA ALA A 169 25.35 0.51 8.84
C ALA A 169 25.53 -0.94 8.42
N LEU A 170 24.77 -1.88 9.00
CA LEU A 170 24.88 -3.30 8.65
C LEU A 170 23.62 -3.72 7.90
N THR A 171 23.77 -4.00 6.61
CA THR A 171 22.62 -4.38 5.78
C THR A 171 22.79 -5.72 5.07
N SER A 172 23.99 -6.05 4.60
CA SER A 172 24.18 -7.33 3.94
C SER A 172 23.88 -8.49 4.88
N GLY A 173 23.21 -9.52 4.35
CA GLY A 173 22.97 -10.71 5.12
C GLY A 173 21.89 -10.61 6.18
N VAL A 174 21.19 -9.46 6.26
CA VAL A 174 20.07 -9.28 7.19
C VAL A 174 18.81 -9.88 6.60
N HIS A 175 18.08 -10.67 7.39
CA HIS A 175 16.75 -11.13 7.03
C HIS A 175 15.82 -10.83 8.19
N THR A 176 14.75 -10.08 7.93
CA THR A 176 13.73 -9.80 8.94
C THR A 176 12.44 -10.49 8.51
N PHE A 177 11.94 -11.37 9.37
CA PHE A 177 10.83 -12.22 8.96
C PHE A 177 9.50 -11.50 9.12
N PRO A 178 8.48 -11.92 8.39
CA PRO A 178 7.13 -11.38 8.61
C PRO A 178 6.68 -11.64 10.04
N ALA A 179 5.93 -10.67 10.59
CA ALA A 179 5.33 -10.86 11.91
C ALA A 179 4.29 -11.98 11.87
N VAL A 180 4.11 -12.64 13.00
CA VAL A 180 3.09 -13.67 13.17
C VAL A 180 2.23 -13.26 14.36
N LEU A 181 0.91 -13.38 14.20
CA LEU A 181 -0.02 -13.06 15.28
C LEU A 181 -0.11 -14.24 16.24
N GLN A 182 0.28 -14.03 17.49
CA GLN A 182 0.23 -15.10 18.47
C GLN A 182 -1.17 -15.21 19.06
N SER A 183 -1.44 -16.37 19.66
CA SER A 183 -2.74 -16.60 20.30
C SER A 183 -3.04 -15.55 21.36
N SER A 184 -2.02 -14.89 21.89
CA SER A 184 -2.18 -13.85 22.90
C SER A 184 -2.77 -12.56 22.34
N GLY A 185 -2.87 -12.43 21.01
CA GLY A 185 -3.27 -11.18 20.39
C GLY A 185 -2.14 -10.24 20.05
N LEU A 186 -0.90 -10.62 20.32
CA LEU A 186 0.26 -9.78 20.06
C LEU A 186 1.11 -10.41 18.96
N TYR A 187 1.90 -9.58 18.32
CA TYR A 187 2.77 -10.02 17.23
C TYR A 187 4.17 -10.33 17.75
N SER A 188 4.89 -11.13 16.96
CA SER A 188 6.31 -11.29 17.18
C SER A 188 6.97 -11.67 15.86
N LEU A 189 8.26 -11.37 15.77
CA LEU A 189 9.08 -11.75 14.64
C LEU A 189 10.53 -11.91 15.12
N SER A 190 11.38 -12.36 14.21
CA SER A 190 12.82 -12.40 14.44
C SER A 190 13.50 -11.66 13.31
N SER A 191 14.60 -11.00 13.63
CA SER A 191 15.50 -10.45 12.61
C SER A 191 16.88 -11.07 12.83
N VAL A 192 17.49 -11.58 11.75
CA VAL A 192 18.75 -12.29 11.87
C VAL A 192 19.74 -11.70 10.88
N VAL A 193 21.03 -11.88 11.17
CA VAL A 193 22.08 -11.49 10.24
C VAL A 193 23.22 -12.49 10.38
N THR A 194 23.84 -12.82 9.25
CA THR A 194 25.01 -13.68 9.21
C THR A 194 26.25 -12.82 9.05
N VAL A 195 27.26 -13.08 9.86
CA VAL A 195 28.48 -12.27 9.91
C VAL A 195 29.69 -13.19 9.99
N PRO A 196 30.87 -12.67 9.66
CA PRO A 196 32.08 -13.48 9.83
C PRO A 196 32.27 -13.89 11.29
N SER A 197 32.59 -15.17 11.49
CA SER A 197 32.74 -15.64 12.86
C SER A 197 33.91 -14.96 13.57
N SER A 198 34.95 -14.60 12.82
CA SER A 198 36.07 -13.87 13.41
C SER A 198 35.67 -12.48 13.91
N SER A 199 34.60 -11.91 13.37
CA SER A 199 34.18 -10.58 13.83
C SER A 199 33.49 -10.62 15.18
N LEU A 200 33.15 -11.80 15.69
CA LEU A 200 32.32 -11.90 16.88
C LEU A 200 32.98 -11.25 18.08
N GLY A 201 34.30 -11.34 18.17
CA GLY A 201 35.01 -10.76 19.33
C GLY A 201 35.38 -9.31 19.13
N THR A 202 35.42 -8.83 17.89
CA THR A 202 35.89 -7.45 17.62
C THR A 202 34.73 -6.51 17.34
N GLN A 203 33.70 -6.95 16.63
CA GLN A 203 32.61 -6.03 16.19
C GLN A 203 31.39 -6.09 17.10
N THR A 204 30.82 -4.92 17.40
CA THR A 204 29.58 -4.82 18.17
C THR A 204 28.38 -4.94 17.24
N TYR A 205 27.39 -5.72 17.68
CA TYR A 205 26.15 -5.90 16.92
C TYR A 205 24.97 -5.47 17.78
N ILE A 206 24.19 -4.53 17.27
CA ILE A 206 23.04 -3.96 17.96
C ILE A 206 21.87 -3.94 17.01
N CYS A 207 20.72 -4.46 17.43
CA CYS A 207 19.51 -4.34 16.63
C CYS A 207 18.71 -3.15 17.13
N ASN A 208 18.28 -2.31 16.19
CA ASN A 208 17.49 -1.11 16.46
C ASN A 208 16.07 -1.44 16.03
N VAL A 209 15.16 -1.51 16.99
CA VAL A 209 13.78 -1.94 16.76
C VAL A 209 12.89 -0.73 16.98
N ASN A 210 12.19 -0.31 15.93
CA ASN A 210 11.35 0.87 15.96
C ASN A 210 9.89 0.45 15.85
N HIS A 211 9.08 0.81 16.84
CA HIS A 211 7.65 0.50 16.86
C HIS A 211 6.94 1.85 16.95
N LYS A 212 6.70 2.43 15.78
CA LYS A 212 6.04 3.74 15.68
C LYS A 212 4.61 3.74 16.23
N PRO A 213 3.79 2.69 16.08
CA PRO A 213 2.44 2.74 16.68
C PRO A 213 2.42 3.04 18.17
N SER A 214 3.43 2.63 18.95
CA SER A 214 3.48 2.92 20.38
C SER A 214 4.53 3.96 20.75
N ASN A 215 5.13 4.62 19.77
CA ASN A 215 6.22 5.57 20.00
C ASN A 215 7.33 4.96 20.84
N THR A 216 7.76 3.74 20.48
CA THR A 216 8.79 3.05 21.24
C THR A 216 9.95 2.68 20.33
N LYS A 217 11.18 2.86 20.80
CA LYS A 217 12.35 2.35 20.10
C LYS A 217 13.23 1.64 21.11
N VAL A 218 13.66 0.43 20.77
CA VAL A 218 14.48 -0.42 21.63
C VAL A 218 15.76 -0.77 20.90
N ASP A 219 16.91 -0.51 21.53
CA ASP A 219 18.21 -0.91 21.00
C ASP A 219 18.73 -2.05 21.86
N LYS A 220 19.04 -3.19 21.24
CA LYS A 220 19.50 -4.35 21.99
C LYS A 220 20.83 -4.85 21.43
N ARG A 221 21.85 -4.91 22.29
CA ARG A 221 23.14 -5.46 21.89
C ARG A 221 23.10 -6.98 21.99
N VAL A 222 23.60 -7.65 20.96
CA VAL A 222 23.62 -9.12 20.89
C VAL A 222 25.07 -9.56 20.98
N GLU A 223 25.37 -10.42 21.96
CA GLU A 223 26.71 -10.86 22.28
C GLU A 223 26.74 -12.38 22.37
N PRO A 224 27.91 -12.99 22.18
CA PRO A 224 28.06 -14.40 22.55
C PRO A 224 27.82 -14.60 24.03
N LYS A 225 27.10 -15.68 24.37
CA LYS A 225 26.75 -15.97 25.76
C LYS A 225 27.94 -16.58 26.52
N SER A 226 28.06 -16.23 27.80
CA SER A 226 29.10 -16.80 28.66
C SER A 226 28.83 -18.26 28.99
N ASP B 1 -18.06 0.72 -11.98
CA ASP B 1 -16.64 1.09 -12.12
C ASP B 1 -16.02 0.22 -13.21
N ILE B 2 -14.88 0.66 -13.74
CA ILE B 2 -14.18 -0.20 -14.74
C ILE B 2 -13.42 -1.30 -13.98
N GLN B 3 -13.66 -2.54 -14.38
CA GLN B 3 -12.97 -3.70 -13.75
C GLN B 3 -11.71 -4.01 -14.56
N MET B 4 -10.56 -3.88 -13.91
CA MET B 4 -9.28 -4.25 -14.56
C MET B 4 -8.95 -5.70 -14.15
N THR B 5 -8.63 -6.56 -15.12
CA THR B 5 -8.29 -7.96 -14.85
C THR B 5 -6.89 -8.26 -15.37
N GLN B 6 -6.17 -9.22 -14.76
CA GLN B 6 -4.81 -9.51 -15.19
C GLN B 6 -4.59 -11.02 -15.29
N SER B 7 -3.67 -11.39 -16.18
CA SER B 7 -3.30 -12.79 -16.38
C SER B 7 -1.81 -12.87 -16.71
N PRO B 8 -1.09 -13.85 -16.14
CA PRO B 8 -1.52 -14.86 -15.18
C PRO B 8 -1.65 -14.25 -13.78
N SER B 9 -2.23 -14.96 -12.82
CA SER B 9 -2.22 -14.45 -11.44
C SER B 9 -0.78 -14.44 -10.94
N SER B 10 -0.06 -15.54 -11.23
CA SER B 10 1.35 -15.58 -10.89
C SER B 10 2.08 -16.44 -11.90
N LEU B 11 3.38 -16.21 -12.03
CA LEU B 11 4.20 -17.01 -12.93
C LEU B 11 5.57 -17.21 -12.32
N SER B 12 6.24 -18.26 -12.77
CA SER B 12 7.63 -18.55 -12.42
C SER B 12 8.43 -18.58 -13.72
N ALA B 13 9.53 -17.85 -13.76
CA ALA B 13 10.34 -17.82 -14.97
C ALA B 13 11.81 -17.77 -14.59
N SER B 14 12.67 -18.16 -15.53
CA SER B 14 14.10 -18.17 -15.28
C SER B 14 14.71 -16.85 -15.68
N VAL B 15 15.85 -16.53 -15.03
CA VAL B 15 16.62 -15.36 -15.39
C VAL B 15 16.98 -15.43 -16.87
N GLY B 16 16.72 -14.35 -17.60
CA GLY B 16 16.94 -14.29 -19.03
C GLY B 16 15.71 -14.59 -19.87
N ASP B 17 14.63 -15.09 -19.27
CA ASP B 17 13.45 -15.37 -20.06
C ASP B 17 12.79 -14.06 -20.51
N ARG B 18 11.86 -14.20 -21.44
CA ARG B 18 10.98 -13.12 -21.86
C ARG B 18 9.57 -13.46 -21.39
N VAL B 19 8.97 -12.58 -20.58
CA VAL B 19 7.65 -12.87 -20.02
C VAL B 19 6.70 -11.75 -20.40
N THR B 20 5.49 -12.12 -20.80
CA THR B 20 4.46 -11.12 -21.01
C THR B 20 3.28 -11.35 -20.06
N ILE B 21 2.81 -10.24 -19.50
CA ILE B 21 1.71 -10.17 -18.56
C ILE B 21 0.58 -9.40 -19.25
N THR B 22 -0.64 -9.88 -19.11
CA THR B 22 -1.79 -9.29 -19.81
C THR B 22 -2.72 -8.55 -18.87
N CYS B 23 -3.23 -7.41 -19.31
CA CYS B 23 -4.19 -6.62 -18.51
C CYS B 23 -5.40 -6.32 -19.41
N ARG B 24 -6.59 -6.55 -18.88
CA ARG B 24 -7.82 -6.25 -19.63
C ARG B 24 -8.70 -5.22 -18.90
N ALA B 25 -9.22 -4.25 -19.63
CA ALA B 25 -10.20 -3.30 -19.11
C ALA B 25 -11.59 -3.75 -19.50
N SER B 26 -12.56 -3.58 -18.59
CA SER B 26 -13.97 -3.99 -18.82
C SER B 26 -14.63 -3.14 -19.93
N GLN B 27 -14.08 -1.96 -20.19
CA GLN B 27 -14.58 -1.11 -21.31
C GLN B 27 -13.36 -0.42 -21.93
N GLY B 28 -13.53 0.17 -23.10
CA GLY B 28 -12.45 0.92 -23.75
C GLY B 28 -11.95 2.03 -22.87
N ILE B 29 -10.64 2.17 -22.73
CA ILE B 29 -10.02 3.21 -21.85
C ILE B 29 -8.95 3.92 -22.69
N ARG B 30 -9.10 3.88 -24.01
CA ARG B 30 -8.07 4.46 -24.92
C ARG B 30 -6.70 3.88 -24.51
N ASN B 31 -5.69 4.73 -24.33
CA ASN B 31 -4.35 4.28 -23.88
C ASN B 31 -4.11 4.77 -22.46
N TYR B 32 -5.18 5.03 -21.70
CA TYR B 32 -5.05 5.60 -20.33
C TYR B 32 -4.79 4.45 -19.37
N LEU B 33 -3.64 3.79 -19.54
CA LEU B 33 -3.31 2.59 -18.74
C LEU B 33 -1.87 2.69 -18.23
N ASN B 34 -1.70 2.46 -16.95
CA ASN B 34 -0.37 2.56 -16.31
C ASN B 34 0.05 1.20 -15.75
N TRP B 35 1.36 0.96 -15.71
CA TRP B 35 1.91 -0.27 -15.11
C TRP B 35 2.79 0.10 -13.92
N TYR B 36 2.58 -0.57 -12.80
CA TYR B 36 3.39 -0.30 -11.58
C TYR B 36 4.06 -1.59 -11.11
N GLN B 37 5.29 -1.46 -10.64
CA GLN B 37 6.04 -2.57 -10.06
C GLN B 37 6.11 -2.40 -8.55
N GLN B 38 5.77 -3.45 -7.79
CA GLN B 38 5.85 -3.41 -6.32
C GLN B 38 6.74 -4.53 -5.81
N LYS B 39 7.85 -4.14 -5.22
CA LYS B 39 8.80 -5.06 -4.62
C LYS B 39 8.47 -5.26 -3.15
N PRO B 40 8.92 -6.36 -2.54
CA PRO B 40 8.51 -6.66 -1.16
C PRO B 40 8.77 -5.50 -0.21
N GLY B 41 7.72 -5.10 0.51
CA GLY B 41 7.78 -4.03 1.49
C GLY B 41 7.95 -2.62 0.95
N LYS B 42 7.79 -2.41 -0.35
CA LYS B 42 7.93 -1.09 -0.95
C LYS B 42 6.59 -0.62 -1.50
N ALA B 43 6.49 0.69 -1.71
CA ALA B 43 5.38 1.25 -2.46
C ALA B 43 5.45 0.79 -3.92
N PRO B 44 4.30 0.74 -4.61
CA PRO B 44 4.33 0.55 -6.05
C PRO B 44 5.15 1.66 -6.70
N MET B 45 5.76 1.32 -7.84
CA MET B 45 6.65 2.22 -8.56
C MET B 45 6.20 2.28 -10.01
N LEU B 46 6.11 3.48 -10.57
CA LEU B 46 5.61 3.60 -11.94
C LEU B 46 6.64 3.03 -12.91
N LEU B 47 6.17 2.22 -13.85
CA LEU B 47 7.04 1.68 -14.92
C LEU B 47 6.66 2.32 -16.26
N ILE B 48 5.39 2.23 -16.62
CA ILE B 48 4.91 2.73 -17.94
C ILE B 48 3.60 3.51 -17.78
N TYR B 49 3.43 4.56 -18.58
CA TYR B 49 2.20 5.37 -18.57
C TYR B 49 1.75 5.52 -20.02
N GLY B 50 0.49 5.88 -20.21
CA GLY B 50 -0.03 6.01 -21.58
C GLY B 50 0.09 4.70 -22.35
N ALA B 51 0.03 3.57 -21.63
CA ALA B 51 0.13 2.20 -22.22
C ALA B 51 1.52 1.82 -22.70
N SER B 52 2.31 2.77 -23.19
CA SER B 52 3.59 2.39 -23.86
C SER B 52 4.77 3.33 -23.56
N SER B 53 4.57 4.38 -22.78
CA SER B 53 5.66 5.30 -22.47
C SER B 53 6.40 4.83 -21.24
N LEU B 54 7.70 4.52 -21.42
CA LEU B 54 8.53 4.11 -20.31
C LEU B 54 8.87 5.32 -19.45
N GLN B 55 8.67 5.20 -18.14
CA GLN B 55 9.05 6.28 -17.24
C GLN B 55 10.56 6.44 -17.19
N ASN B 56 11.02 7.67 -17.02
CA ASN B 56 12.45 7.93 -17.00
C ASN B 56 13.13 7.14 -15.88
N GLY B 57 14.29 6.56 -16.21
CA GLY B 57 15.02 5.74 -15.27
C GLY B 57 14.53 4.32 -15.12
N VAL B 58 13.48 3.91 -15.83
CA VAL B 58 13.06 2.51 -15.80
C VAL B 58 13.84 1.75 -16.86
N PRO B 59 14.35 0.53 -16.56
CA PRO B 59 15.17 -0.20 -17.54
C PRO B 59 14.44 -0.44 -18.85
N SER B 60 15.19 -0.39 -19.93
CA SER B 60 14.61 -0.57 -21.26
C SER B 60 14.13 -2.00 -21.53
N ARG B 61 14.36 -2.95 -20.62
CA ARG B 61 13.79 -4.28 -20.82
C ARG B 61 12.28 -4.32 -20.55
N PHE B 62 11.70 -3.28 -19.94
CA PHE B 62 10.25 -3.21 -19.74
C PHE B 62 9.62 -2.52 -20.94
N SER B 63 8.51 -3.06 -21.43
CA SER B 63 7.85 -2.56 -22.63
C SER B 63 6.34 -2.69 -22.46
N GLY B 64 5.56 -1.67 -22.81
CA GLY B 64 4.10 -1.77 -22.77
C GLY B 64 3.49 -1.60 -24.15
N SER B 65 2.37 -2.30 -24.39
CA SER B 65 1.59 -2.00 -25.59
C SER B 65 0.11 -2.18 -25.32
N GLY B 66 -0.70 -1.69 -26.27
CA GLY B 66 -2.14 -1.80 -26.23
C GLY B 66 -2.88 -0.46 -26.30
N SER B 67 -4.11 -0.52 -26.83
CA SER B 67 -5.06 0.58 -26.74
C SER B 67 -6.44 -0.03 -26.80
N GLY B 68 -7.40 0.57 -26.09
CA GLY B 68 -8.73 -0.01 -26.14
C GLY B 68 -9.03 -0.84 -24.90
N THR B 69 -9.03 -2.17 -25.01
CA THR B 69 -9.34 -3.02 -23.85
C THR B 69 -8.23 -4.01 -23.48
N GLU B 70 -7.25 -4.21 -24.35
CA GLU B 70 -6.23 -5.27 -24.08
C GLU B 70 -4.84 -4.65 -24.02
N PHE B 71 -4.12 -4.95 -22.96
CA PHE B 71 -2.78 -4.34 -22.76
C PHE B 71 -1.78 -5.41 -22.35
N THR B 72 -0.51 -5.18 -22.71
CA THR B 72 0.55 -6.14 -22.37
C THR B 72 1.78 -5.47 -21.81
N LEU B 73 2.32 -6.05 -20.76
CA LEU B 73 3.63 -5.66 -20.24
C LEU B 73 4.60 -6.80 -20.54
N THR B 74 5.66 -6.51 -21.29
CA THR B 74 6.67 -7.51 -21.63
C THR B 74 7.97 -7.16 -20.91
N ILE B 75 8.54 -8.13 -20.19
CA ILE B 75 9.84 -8.01 -19.57
C ILE B 75 10.75 -8.92 -20.39
N SER B 76 11.68 -8.30 -21.13
CA SER B 76 12.30 -8.99 -22.24
C SER B 76 13.49 -9.83 -21.83
N SER B 77 14.08 -9.58 -20.66
CA SER B 77 15.25 -10.36 -20.26
C SER B 77 15.31 -10.42 -18.73
N LEU B 78 14.51 -11.33 -18.17
CA LEU B 78 14.14 -11.27 -16.76
C LEU B 78 15.36 -11.32 -15.84
N GLN B 79 15.33 -10.50 -14.79
CA GLN B 79 16.43 -10.38 -13.86
C GLN B 79 15.98 -10.73 -12.44
N PRO B 80 16.90 -11.17 -11.56
CA PRO B 80 16.52 -11.49 -10.18
C PRO B 80 15.81 -10.35 -9.48
N GLU B 81 16.20 -9.10 -9.77
CA GLU B 81 15.56 -7.96 -9.10
C GLU B 81 14.15 -7.71 -9.62
N ASP B 82 13.73 -8.41 -10.66
CA ASP B 82 12.39 -8.21 -11.19
C ASP B 82 11.35 -9.01 -10.41
N PHE B 83 11.77 -9.75 -9.38
CA PHE B 83 10.81 -10.36 -8.47
C PHE B 83 9.90 -9.28 -7.90
N ALA B 84 8.60 -9.35 -8.20
CA ALA B 84 7.72 -8.26 -7.84
C ALA B 84 6.28 -8.63 -8.17
N THR B 85 5.35 -7.82 -7.68
CA THR B 85 3.98 -7.86 -8.18
C THR B 85 3.76 -6.68 -9.12
N TYR B 86 3.20 -6.96 -10.29
CA TYR B 86 3.01 -5.95 -11.33
C TYR B 86 1.51 -5.66 -11.45
N TYR B 87 1.17 -4.39 -11.41
CA TYR B 87 -0.26 -3.98 -11.42
C TYR B 87 -0.56 -3.03 -12.58
N CYS B 88 -1.70 -3.23 -13.23
CA CYS B 88 -2.15 -2.27 -14.26
C CYS B 88 -3.19 -1.34 -13.61
N GLN B 89 -3.35 -0.13 -14.15
CA GLN B 89 -4.29 0.87 -13.57
C GLN B 89 -4.85 1.78 -14.67
N GLN B 90 -6.16 2.00 -14.67
CA GLN B 90 -6.82 2.78 -15.75
C GLN B 90 -7.17 4.20 -15.27
N SER B 91 -7.12 5.17 -16.19
CA SER B 91 -7.40 6.58 -15.85
C SER B 91 -8.43 7.17 -16.82
N TYR B 92 -9.43 6.38 -17.23
CA TYR B 92 -10.50 6.84 -18.16
C TYR B 92 -11.76 7.18 -17.36
N ARG B 93 -12.07 6.37 -16.35
CA ARG B 93 -13.18 6.68 -15.42
C ARG B 93 -12.59 6.64 -14.00
N THR B 94 -13.43 6.63 -12.97
CA THR B 94 -12.95 6.59 -11.57
C THR B 94 -11.75 5.66 -11.52
N LEU B 95 -10.59 6.17 -11.14
CA LEU B 95 -9.32 5.40 -11.16
C LEU B 95 -9.45 4.04 -10.47
N THR B 96 -9.08 2.96 -11.19
CA THR B 96 -9.15 1.59 -10.66
C THR B 96 -7.87 0.81 -11.00
N PHE B 97 -7.46 -0.10 -10.14
CA PHE B 97 -6.28 -0.96 -10.31
C PHE B 97 -6.70 -2.39 -10.65
N GLY B 98 -5.86 -3.11 -11.43
CA GLY B 98 -6.01 -4.55 -11.54
C GLY B 98 -5.47 -5.22 -10.30
N PRO B 99 -5.67 -6.54 -10.20
CA PRO B 99 -5.30 -7.25 -8.96
C PRO B 99 -3.84 -7.66 -8.85
N GLY B 100 -3.02 -7.39 -9.86
CA GLY B 100 -1.61 -7.74 -9.77
C GLY B 100 -1.30 -9.12 -10.34
N THR B 101 -0.10 -9.22 -10.89
CA THR B 101 0.49 -10.48 -11.33
C THR B 101 1.81 -10.67 -10.59
N LYS B 102 1.96 -11.79 -9.91
CA LYS B 102 3.17 -12.07 -9.14
C LYS B 102 4.19 -12.76 -10.04
N VAL B 103 5.41 -12.23 -10.10
CA VAL B 103 6.47 -12.83 -10.91
C VAL B 103 7.46 -13.45 -9.94
N ASP B 104 7.60 -14.78 -9.98
CA ASP B 104 8.57 -15.50 -9.17
C ASP B 104 9.75 -15.89 -10.05
N ILE B 105 10.92 -16.03 -9.44
CA ILE B 105 12.15 -16.37 -10.17
C ILE B 105 12.48 -17.84 -9.94
N LYS B 106 12.67 -18.58 -11.03
CA LYS B 106 13.18 -19.97 -10.97
C LYS B 106 14.70 -19.97 -10.96
N ARG B 107 15.29 -20.72 -10.03
CA ARG B 107 16.74 -20.84 -9.96
C ARG B 107 17.13 -22.27 -9.60
N THR B 108 18.43 -22.51 -9.44
CA THR B 108 18.88 -23.85 -9.07
C THR B 108 18.66 -24.11 -7.58
N VAL B 109 18.59 -25.40 -7.25
CA VAL B 109 18.49 -25.85 -5.87
C VAL B 109 19.61 -25.24 -5.03
N ALA B 110 19.27 -24.81 -3.81
CA ALA B 110 20.25 -24.34 -2.84
C ALA B 110 19.85 -24.87 -1.48
N ALA B 111 20.77 -25.53 -0.81
CA ALA B 111 20.52 -26.14 0.49
C ALA B 111 20.52 -25.07 1.58
N PRO B 112 19.68 -25.22 2.60
CA PRO B 112 19.63 -24.19 3.65
C PRO B 112 20.79 -24.35 4.62
N SER B 113 21.22 -23.23 5.18
CA SER B 113 22.15 -23.26 6.30
C SER B 113 21.36 -23.15 7.59
N VAL B 114 21.59 -24.07 8.53
CA VAL B 114 20.70 -24.22 9.67
C VAL B 114 21.41 -23.76 10.93
N PHE B 115 20.68 -23.00 11.75
CA PHE B 115 21.17 -22.48 13.02
C PHE B 115 20.07 -22.64 14.07
N ILE B 116 20.47 -22.90 15.31
CA ILE B 116 19.50 -23.03 16.39
C ILE B 116 19.90 -22.08 17.51
N PHE B 117 18.91 -21.45 18.14
CA PHE B 117 19.11 -20.42 19.15
C PHE B 117 18.31 -20.79 20.40
N PRO B 118 18.97 -20.95 21.54
CA PRO B 118 18.25 -21.22 22.80
C PRO B 118 17.48 -19.99 23.25
N PRO B 119 16.54 -20.15 24.18
CA PRO B 119 15.91 -18.98 24.79
C PRO B 119 16.95 -18.19 25.55
N SER B 120 16.86 -16.86 25.46
CA SER B 120 17.68 -16.02 26.32
C SER B 120 17.26 -16.19 27.77
N ASP B 121 18.22 -16.03 28.67
CA ASP B 121 17.89 -16.07 30.09
C ASP B 121 16.90 -14.97 30.46
N GLU B 122 17.01 -13.80 29.83
CA GLU B 122 16.14 -12.68 30.16
C GLU B 122 14.67 -13.02 29.89
N GLN B 123 14.40 -13.68 28.75
CA GLN B 123 13.03 -14.05 28.41
C GLN B 123 12.44 -15.03 29.41
N LEU B 124 13.25 -15.93 29.97
CA LEU B 124 12.72 -16.94 30.88
C LEU B 124 12.07 -16.34 32.11
N LYS B 125 12.43 -15.10 32.48
CA LYS B 125 11.78 -14.43 33.59
C LYS B 125 10.31 -14.12 33.31
N SER B 126 9.85 -14.24 32.07
CA SER B 126 8.45 -14.02 31.70
C SER B 126 7.62 -15.30 31.79
N GLY B 127 8.23 -16.43 32.14
CA GLY B 127 7.52 -17.69 32.15
C GLY B 127 7.38 -18.35 30.80
N THR B 128 8.00 -17.80 29.77
CA THR B 128 7.93 -18.31 28.41
C THR B 128 9.33 -18.44 27.84
N ALA B 129 9.56 -19.53 27.10
CA ALA B 129 10.80 -19.81 26.40
C ALA B 129 10.51 -19.92 24.91
N SER B 130 11.26 -19.17 24.11
CA SER B 130 11.20 -19.24 22.66
C SER B 130 12.51 -19.83 22.15
N VAL B 131 12.44 -20.96 21.47
CA VAL B 131 13.60 -21.56 20.82
C VAL B 131 13.46 -21.32 19.32
N VAL B 132 14.53 -20.83 18.68
CA VAL B 132 14.43 -20.41 17.29
C VAL B 132 15.33 -21.26 16.42
N CYS B 133 14.78 -21.75 15.31
CA CYS B 133 15.53 -22.47 14.29
C CYS B 133 15.48 -21.65 13.00
N LEU B 134 16.65 -21.38 12.43
CA LEU B 134 16.80 -20.56 11.24
C LEU B 134 17.30 -21.42 10.08
N LEU B 135 16.61 -21.32 8.95
CA LEU B 135 16.97 -21.97 7.69
C LEU B 135 17.31 -20.85 6.71
N ASN B 136 18.57 -20.73 6.32
CA ASN B 136 19.01 -19.51 5.65
C ASN B 136 19.39 -19.81 4.21
N ASN B 137 18.85 -18.98 3.29
CA ASN B 137 19.27 -18.89 1.88
C ASN B 137 19.13 -20.24 1.16
N PHE B 138 17.88 -20.65 0.99
CA PHE B 138 17.59 -21.92 0.33
C PHE B 138 16.59 -21.72 -0.80
N TYR B 139 16.51 -22.74 -1.67
CA TYR B 139 15.61 -22.78 -2.80
C TYR B 139 15.43 -24.25 -3.19
N PRO B 140 14.19 -24.69 -3.43
CA PRO B 140 12.92 -23.93 -3.45
C PRO B 140 12.35 -23.66 -2.06
N ARG B 141 11.20 -22.99 -1.96
CA ARG B 141 10.65 -22.61 -0.66
C ARG B 141 10.29 -23.82 0.19
N GLU B 142 9.95 -24.94 -0.42
CA GLU B 142 9.46 -26.10 0.31
C GLU B 142 10.54 -26.66 1.23
N ALA B 143 10.13 -27.00 2.45
CA ALA B 143 11.03 -27.57 3.46
C ALA B 143 10.18 -28.05 4.62
N LYS B 144 10.75 -28.94 5.42
CA LYS B 144 10.11 -29.39 6.65
C LYS B 144 11.05 -29.24 7.82
N VAL B 145 10.51 -28.75 8.93
CA VAL B 145 11.28 -28.57 10.16
C VAL B 145 10.55 -29.30 11.28
N GLN B 146 11.27 -30.17 11.99
CA GLN B 146 10.71 -30.90 13.11
C GLN B 146 11.45 -30.52 14.38
N TRP B 147 10.68 -30.20 15.41
CA TRP B 147 11.23 -29.91 16.72
C TRP B 147 11.20 -31.18 17.55
N LYS B 148 12.33 -31.52 18.17
CA LYS B 148 12.42 -32.66 19.07
C LYS B 148 12.95 -32.17 20.40
N VAL B 149 12.28 -32.58 21.47
CA VAL B 149 12.64 -32.24 22.85
C VAL B 149 12.95 -33.54 23.56
N ASP B 150 14.22 -33.82 23.78
CA ASP B 150 14.67 -35.10 24.33
C ASP B 150 14.17 -36.24 23.46
N ASN B 151 14.32 -36.07 22.14
CA ASN B 151 13.93 -37.01 21.09
C ASN B 151 12.44 -37.21 20.97
N ALA B 152 11.63 -36.45 21.70
CA ALA B 152 10.18 -36.47 21.54
C ALA B 152 9.80 -35.49 20.45
N LEU B 153 9.17 -35.99 19.39
CA LEU B 153 8.69 -35.12 18.32
C LEU B 153 7.63 -34.16 18.86
N GLN B 154 7.84 -32.87 18.62
CA GLN B 154 6.91 -31.84 19.05
C GLN B 154 5.80 -31.65 18.02
N SER B 155 4.68 -31.09 18.48
CA SER B 155 3.54 -30.88 17.61
C SER B 155 2.64 -29.81 18.21
N GLY B 156 2.16 -28.89 17.37
CA GLY B 156 1.17 -27.91 17.75
C GLY B 156 1.68 -26.69 18.48
N ASN B 157 2.99 -26.60 18.75
CA ASN B 157 3.52 -25.53 19.59
C ASN B 157 4.59 -24.70 18.89
N SER B 158 4.69 -24.80 17.56
CA SER B 158 5.68 -24.04 16.82
C SER B 158 5.03 -23.32 15.65
N GLN B 159 5.61 -22.18 15.26
CA GLN B 159 5.10 -21.39 14.15
C GLN B 159 6.23 -21.11 13.17
N GLU B 160 5.88 -20.84 11.92
CA GLU B 160 6.89 -20.72 10.88
C GLU B 160 6.66 -19.45 10.07
N SER B 161 7.75 -18.84 9.62
CA SER B 161 7.68 -17.58 8.89
C SER B 161 8.76 -17.58 7.82
N VAL B 162 8.42 -17.15 6.60
CA VAL B 162 9.33 -17.24 5.47
C VAL B 162 9.45 -15.88 4.81
N THR B 163 10.68 -15.48 4.46
CA THR B 163 10.84 -14.24 3.71
C THR B 163 10.35 -14.41 2.26
N GLU B 164 10.18 -13.29 1.57
CA GLU B 164 9.99 -13.36 0.13
C GLU B 164 11.34 -13.57 -0.56
N GLN B 165 11.27 -14.00 -1.83
CA GLN B 165 12.50 -14.29 -2.60
C GLN B 165 13.47 -13.12 -2.54
N ASP B 166 14.75 -13.43 -2.34
CA ASP B 166 15.78 -12.41 -2.26
C ASP B 166 15.97 -11.74 -3.61
N SER B 167 16.11 -10.42 -3.61
CA SER B 167 16.16 -9.67 -4.86
C SER B 167 17.46 -9.89 -5.63
N LYS B 168 18.52 -10.29 -4.95
CA LYS B 168 19.82 -10.52 -5.58
C LYS B 168 20.05 -11.98 -5.98
N ASP B 169 19.71 -12.95 -5.12
CA ASP B 169 20.07 -14.35 -5.38
C ASP B 169 18.85 -15.27 -5.40
N SER B 170 17.65 -14.73 -5.22
CA SER B 170 16.39 -15.44 -5.43
C SER B 170 16.16 -16.56 -4.43
N THR B 171 16.88 -16.56 -3.31
CA THR B 171 16.65 -17.58 -2.29
C THR B 171 15.62 -17.11 -1.26
N TYR B 172 15.24 -18.02 -0.38
CA TYR B 172 14.36 -17.80 0.75
C TYR B 172 15.13 -18.00 2.05
N SER B 173 14.51 -17.52 3.13
CA SER B 173 14.95 -17.87 4.48
C SER B 173 13.69 -18.10 5.31
N LEU B 174 13.83 -18.92 6.35
CA LEU B 174 12.70 -19.37 7.13
C LEU B 174 13.08 -19.42 8.60
N SER B 175 12.10 -19.12 9.45
CA SER B 175 12.24 -19.14 10.90
C SER B 175 11.15 -20.04 11.46
N SER B 176 11.54 -21.05 12.22
CA SER B 176 10.61 -21.86 12.97
C SER B 176 10.83 -21.57 14.45
N THR B 177 9.78 -21.15 15.14
CA THR B 177 9.86 -20.76 16.53
C THR B 177 9.02 -21.71 17.36
N LEU B 178 9.68 -22.39 18.31
CA LEU B 178 9.03 -23.31 19.23
C LEU B 178 8.79 -22.58 20.54
N THR B 179 7.56 -22.63 21.03
CA THR B 179 7.17 -21.91 22.23
C THR B 179 6.86 -22.92 23.34
N LEU B 180 7.59 -22.83 24.45
CA LEU B 180 7.34 -23.65 25.62
C LEU B 180 7.18 -22.74 26.83
N SER B 181 6.55 -23.27 27.88
CA SER B 181 6.59 -22.57 29.15
C SER B 181 7.96 -22.73 29.78
N LYS B 182 8.27 -21.83 30.73
CA LYS B 182 9.55 -21.96 31.44
C LYS B 182 9.63 -23.30 32.16
N ALA B 183 8.56 -23.69 32.85
CA ALA B 183 8.53 -24.99 33.51
C ALA B 183 8.86 -26.09 32.51
N ASP B 184 8.18 -26.12 31.37
CA ASP B 184 8.41 -27.20 30.38
C ASP B 184 9.87 -27.18 29.95
N TYR B 185 10.41 -25.98 29.70
CA TYR B 185 11.78 -25.89 29.17
C TYR B 185 12.76 -26.38 30.22
N GLU B 186 12.52 -26.00 31.46
CA GLU B 186 13.48 -26.35 32.54
C GLU B 186 13.39 -27.86 32.90
N LYS B 187 12.39 -28.58 32.39
CA LYS B 187 12.22 -30.01 32.73
C LYS B 187 12.96 -30.90 31.71
N HIS B 188 13.42 -30.33 30.59
CA HIS B 188 14.04 -31.17 29.54
C HIS B 188 15.45 -30.68 29.24
N LYS B 189 16.22 -31.43 28.47
CA LYS B 189 17.64 -31.04 28.25
C LYS B 189 18.00 -30.89 26.77
N VAL B 190 17.65 -31.86 25.94
CA VAL B 190 18.08 -31.82 24.51
C VAL B 190 17.01 -31.11 23.67
N TYR B 191 17.41 -30.04 22.98
CA TYR B 191 16.49 -29.30 22.09
C TYR B 191 17.09 -29.34 20.71
N ALA B 192 16.34 -29.83 19.74
CA ALA B 192 16.90 -30.00 18.38
C ALA B 192 15.88 -29.74 17.30
N CYS B 193 16.29 -29.06 16.24
CA CYS B 193 15.44 -28.92 15.06
C CYS B 193 16.10 -29.68 13.91
N GLU B 194 15.26 -30.39 13.16
CA GLU B 194 15.69 -31.26 12.08
C GLU B 194 15.03 -30.79 10.78
N VAL B 195 15.86 -30.53 9.78
CA VAL B 195 15.44 -29.85 8.56
C VAL B 195 15.58 -30.81 7.39
N THR B 196 14.51 -30.95 6.62
CA THR B 196 14.50 -31.75 5.39
C THR B 196 14.21 -30.82 4.22
N HIS B 197 15.08 -30.89 3.22
CA HIS B 197 15.01 -30.01 2.06
C HIS B 197 15.63 -30.72 0.86
N GLN B 198 15.18 -30.32 -0.33
CA GLN B 198 15.62 -30.95 -1.58
C GLN B 198 17.13 -31.00 -1.70
N GLY B 199 17.81 -29.91 -1.35
CA GLY B 199 19.24 -29.84 -1.52
C GLY B 199 20.06 -30.52 -0.46
N LEU B 200 19.41 -31.18 0.49
CA LEU B 200 20.07 -31.94 1.53
C LEU B 200 19.92 -33.42 1.20
N SER B 201 21.05 -34.14 1.14
CA SER B 201 21.01 -35.57 0.84
C SER B 201 20.44 -36.38 2.00
N SER B 202 20.49 -35.85 3.21
CA SER B 202 19.83 -36.45 4.37
C SER B 202 19.58 -35.34 5.39
N PRO B 203 18.52 -35.45 6.20
CA PRO B 203 18.10 -34.31 7.03
C PRO B 203 19.21 -33.79 7.93
N VAL B 204 19.24 -32.46 8.10
CA VAL B 204 20.26 -31.79 8.90
C VAL B 204 19.67 -31.47 10.26
N THR B 205 20.36 -31.84 11.33
CA THR B 205 19.87 -31.61 12.67
C THR B 205 20.82 -30.68 13.42
N LYS B 206 20.26 -29.66 14.07
CA LYS B 206 21.01 -28.75 14.93
C LYS B 206 20.37 -28.76 16.31
N SER B 207 21.22 -28.94 17.31
CA SER B 207 20.70 -29.14 18.69
C SER B 207 21.49 -28.38 19.75
N PHE B 208 20.87 -28.19 20.90
CA PHE B 208 21.57 -27.55 22.04
C PHE B 208 21.20 -28.32 23.29
N ASN B 209 22.07 -28.28 24.29
CA ASN B 209 21.73 -28.93 25.57
C ASN B 209 21.66 -27.88 26.67
N ARG B 210 20.52 -27.75 27.33
CA ARG B 210 20.37 -26.89 28.54
C ARG B 210 18.87 -26.63 28.74
N GLY B 211 18.45 -26.38 29.97
CA GLY B 211 17.03 -26.18 30.29
C GLY B 211 16.62 -27.10 31.43
N ARG C 25 -23.45 37.64 -17.99
CA ARG C 25 -24.40 36.55 -18.14
C ARG C 25 -23.73 35.18 -17.85
N LEU C 26 -22.82 34.70 -18.71
CA LEU C 26 -22.22 33.38 -18.55
C LEU C 26 -20.95 33.39 -17.72
N ILE C 27 -20.83 32.38 -16.87
CA ILE C 27 -19.58 32.11 -16.17
C ILE C 27 -18.77 31.16 -17.07
N GLU C 28 -17.69 31.67 -17.65
CA GLU C 28 -16.94 30.89 -18.65
C GLU C 28 -15.82 30.10 -17.97
N VAL C 29 -15.76 28.81 -18.27
CA VAL C 29 -14.76 27.91 -17.74
C VAL C 29 -14.02 27.29 -18.94
N SER C 30 -12.71 27.49 -18.97
CA SER C 30 -11.84 26.95 -20.00
C SER C 30 -11.18 25.70 -19.44
N VAL C 31 -11.21 24.59 -20.17
CA VAL C 31 -10.73 23.33 -19.62
C VAL C 31 -9.74 22.67 -20.60
N GLU C 32 -8.91 21.80 -20.05
CA GLU C 32 -7.89 21.09 -20.81
C GLU C 32 -8.21 19.61 -20.81
N GLU C 33 -7.78 18.90 -21.86
CA GLU C 33 -8.08 17.47 -21.98
C GLU C 33 -7.47 16.72 -20.80
N ASN C 34 -8.29 15.88 -20.15
CA ASN C 34 -7.87 14.98 -19.08
C ASN C 34 -7.33 15.74 -17.87
N HIS C 35 -7.83 16.98 -17.68
CA HIS C 35 -7.79 17.72 -16.44
C HIS C 35 -9.17 17.70 -15.80
N PRO C 36 -9.26 17.81 -14.48
CA PRO C 36 -10.57 17.89 -13.84
C PRO C 36 -11.09 19.32 -13.92
N PHE C 37 -12.40 19.47 -13.70
CA PHE C 37 -12.93 20.82 -13.46
C PHE C 37 -14.05 20.80 -12.43
N THR C 38 -14.25 21.96 -11.79
CA THR C 38 -15.28 22.15 -10.78
C THR C 38 -16.05 23.41 -11.14
N LEU C 39 -17.38 23.32 -11.20
CA LEU C 39 -18.26 24.46 -11.34
C LEU C 39 -18.80 24.83 -9.97
N ARG C 40 -18.49 26.04 -9.50
CA ARG C 40 -18.88 26.49 -8.17
C ARG C 40 -19.95 27.56 -8.32
N ALA C 41 -21.18 27.24 -7.91
CA ALA C 41 -22.23 28.25 -7.89
C ALA C 41 -21.92 29.30 -6.83
N PRO C 42 -22.14 30.56 -7.13
CA PRO C 42 -22.04 31.57 -6.06
C PRO C 42 -23.24 31.44 -5.15
N ILE C 43 -23.16 30.50 -4.21
CA ILE C 43 -24.32 30.00 -3.46
C ILE C 43 -24.43 30.76 -2.14
N GLN C 44 -25.63 31.23 -1.80
CA GLN C 44 -25.85 31.86 -0.50
C GLN C 44 -27.19 31.38 0.05
N ARG C 45 -27.22 30.98 1.32
CA ARG C 45 -28.40 30.30 1.84
C ARG C 45 -28.75 30.87 3.21
N ILE C 46 -29.99 30.60 3.62
CA ILE C 46 -30.52 31.11 4.87
C ILE C 46 -30.83 29.91 5.77
N TYR C 47 -30.33 29.96 7.00
CA TYR C 47 -30.49 28.86 7.95
C TYR C 47 -31.96 28.45 8.09
N GLY C 48 -32.20 27.14 8.00
CA GLY C 48 -33.53 26.59 8.20
C GLY C 48 -34.39 26.50 6.95
N VAL C 49 -33.98 27.14 5.86
CA VAL C 49 -34.68 26.98 4.58
C VAL C 49 -34.37 25.63 3.96
N ARG C 50 -35.40 24.98 3.43
CA ARG C 50 -35.26 23.83 2.55
C ARG C 50 -34.87 24.31 1.16
N TYR C 51 -33.84 23.69 0.59
CA TYR C 51 -33.37 23.99 -0.75
C TYR C 51 -33.40 22.72 -1.59
N THR C 52 -33.73 22.88 -2.87
CA THR C 52 -33.42 21.87 -3.89
C THR C 52 -32.53 22.51 -4.93
N GLU C 53 -31.48 21.79 -5.33
CA GLU C 53 -30.59 22.26 -6.38
C GLU C 53 -30.67 21.31 -7.56
N THR C 54 -30.75 21.86 -8.76
CA THR C 54 -30.66 21.06 -9.96
C THR C 54 -29.54 21.56 -10.84
N TRP C 55 -28.90 20.61 -11.54
CA TRP C 55 -27.96 20.90 -12.60
C TRP C 55 -28.52 20.31 -13.89
N SER C 56 -28.56 21.15 -14.94
CA SER C 56 -28.96 20.76 -16.29
C SER C 56 -27.82 21.03 -17.26
N PHE C 57 -27.75 20.24 -18.34
CA PHE C 57 -26.61 20.25 -19.25
C PHE C 57 -27.11 20.32 -20.68
N LEU C 58 -26.57 21.27 -21.45
CA LEU C 58 -26.83 21.42 -22.87
C LEU C 58 -25.50 21.15 -23.59
N PRO C 59 -25.32 19.96 -24.17
CA PRO C 59 -24.01 19.60 -24.72
C PRO C 59 -23.70 20.40 -25.98
N SER C 60 -22.42 20.67 -26.19
CA SER C 60 -22.02 21.31 -27.44
C SER C 60 -22.15 20.33 -28.61
N LEU C 61 -21.54 19.15 -28.48
CA LEU C 61 -21.66 18.10 -29.49
C LEU C 61 -21.34 16.76 -28.87
N GLU C 97 -32.40 21.47 -20.42
CA GLU C 97 -32.65 20.35 -21.32
C GLU C 97 -32.56 19.04 -20.55
N ASP C 98 -31.40 18.40 -20.64
CA ASP C 98 -31.12 17.21 -19.85
C ASP C 98 -30.81 17.62 -18.42
N GLN C 99 -31.69 17.29 -17.48
CA GLN C 99 -31.38 17.44 -16.07
C GLN C 99 -30.40 16.34 -15.66
N LEU C 100 -29.17 16.73 -15.34
CA LEU C 100 -28.16 15.80 -14.87
C LEU C 100 -28.49 15.30 -13.46
N ALA C 101 -28.89 16.21 -12.57
CA ALA C 101 -29.09 15.77 -11.20
C ALA C 101 -29.97 16.77 -10.45
N GLU C 102 -30.57 16.27 -9.36
CA GLU C 102 -31.34 17.08 -8.44
C GLU C 102 -31.12 16.53 -7.03
N ILE C 103 -30.77 17.44 -6.10
CA ILE C 103 -30.57 17.14 -4.69
C ILE C 103 -31.40 18.10 -3.83
N SER C 104 -31.61 17.71 -2.57
CA SER C 104 -32.40 18.54 -1.66
C SER C 104 -31.94 18.34 -0.23
N TYR C 105 -32.17 19.37 0.60
CA TYR C 105 -31.71 19.37 1.99
C TYR C 105 -32.27 20.61 2.71
N ARG C 106 -32.31 20.53 4.04
CA ARG C 106 -32.51 21.71 4.87
C ARG C 106 -31.16 22.30 5.23
N PHE C 107 -30.94 23.57 4.91
CA PHE C 107 -29.63 24.18 5.12
C PHE C 107 -29.36 24.41 6.59
N GLN C 108 -28.19 23.98 7.05
CA GLN C 108 -27.77 24.19 8.44
C GLN C 108 -26.27 24.47 8.51
N ALA C 113 -19.98 20.74 4.27
CA ALA C 113 -19.08 19.70 4.77
C ALA C 113 -19.82 18.76 5.73
N ASP C 114 -20.42 19.32 6.77
CA ASP C 114 -21.29 18.58 7.68
C ASP C 114 -22.74 18.63 7.23
N GLN C 115 -23.00 18.93 5.96
CA GLN C 115 -24.33 19.18 5.46
C GLN C 115 -24.88 17.92 4.79
N PRO C 116 -25.79 17.19 5.43
CA PRO C 116 -26.39 16.04 4.75
C PRO C 116 -27.39 16.47 3.70
N TRP C 117 -27.43 15.75 2.58
CA TRP C 117 -28.40 16.02 1.53
C TRP C 117 -28.93 14.70 0.98
N ILE C 118 -30.07 14.80 0.31
CA ILE C 118 -30.73 13.66 -0.32
C ILE C 118 -30.60 13.84 -1.83
N VAL C 119 -30.19 12.77 -2.50
CA VAL C 119 -30.08 12.77 -3.96
C VAL C 119 -31.46 12.44 -4.51
N VAL C 120 -32.16 13.41 -5.09
CA VAL C 120 -33.58 13.16 -5.50
C VAL C 120 -33.63 12.47 -6.88
N ASN C 121 -32.81 12.93 -7.82
CA ASN C 121 -32.88 12.37 -9.20
C ASN C 121 -31.49 12.36 -9.82
N THR C 122 -31.30 11.53 -10.84
CA THR C 122 -30.00 11.48 -11.57
C THR C 122 -30.30 11.06 -13.01
N SER C 123 -29.49 11.49 -13.98
CA SER C 123 -29.71 11.16 -15.37
C SER C 123 -28.76 10.03 -15.77
N THR C 124 -29.09 9.34 -16.86
CA THR C 124 -28.23 8.26 -17.37
C THR C 124 -27.39 8.69 -18.56
N LEU C 125 -27.48 9.94 -19.00
CA LEU C 125 -26.79 10.38 -20.24
C LEU C 125 -25.34 9.88 -20.35
N PHE C 126 -24.50 10.20 -19.38
CA PHE C 126 -23.05 9.86 -19.48
C PHE C 126 -22.86 8.35 -19.42
N ASP C 127 -23.74 7.69 -18.69
CA ASP C 127 -23.64 6.21 -18.57
C ASP C 127 -23.90 5.59 -19.94
N GLU C 128 -24.84 6.15 -20.71
CA GLU C 128 -25.06 5.66 -22.10
C GLU C 128 -23.79 5.82 -22.92
N LEU C 129 -22.96 6.82 -22.57
CA LEU C 129 -21.71 7.08 -23.32
C LEU C 129 -20.53 6.36 -22.65
N GLU C 130 -20.80 5.52 -21.65
CA GLU C 130 -19.74 4.78 -20.92
C GLU C 130 -18.76 5.80 -20.35
N LEU C 131 -19.30 6.89 -19.79
CA LEU C 131 -18.48 7.93 -19.15
C LEU C 131 -19.08 8.19 -17.76
N ASP C 132 -18.28 8.72 -16.85
CA ASP C 132 -18.76 9.02 -15.50
C ASP C 132 -19.58 10.30 -15.51
N PRO C 133 -20.79 10.29 -14.93
CA PRO C 133 -21.56 11.51 -14.78
C PRO C 133 -20.87 12.43 -13.79
N PRO C 134 -21.03 13.76 -13.90
CA PRO C 134 -20.49 14.67 -12.86
C PRO C 134 -20.91 14.26 -11.45
N GLU C 135 -20.00 14.50 -10.49
CA GLU C 135 -20.35 14.39 -9.08
C GLU C 135 -21.00 15.68 -8.60
N ILE C 136 -22.02 15.55 -7.77
CA ILE C 136 -22.87 16.69 -7.39
C ILE C 136 -22.84 16.84 -5.88
N GLU C 137 -22.54 18.05 -5.41
CA GLU C 137 -22.61 18.37 -4.00
C GLU C 137 -23.35 19.71 -3.92
N PRO C 138 -23.90 20.06 -2.75
CA PRO C 138 -24.50 21.40 -2.62
C PRO C 138 -23.60 22.51 -3.17
N GLY C 139 -24.08 23.20 -4.21
CA GLY C 139 -23.37 24.34 -4.75
C GLY C 139 -22.28 24.03 -5.75
N VAL C 140 -22.08 22.76 -6.12
CA VAL C 140 -20.87 22.43 -6.84
C VAL C 140 -21.09 21.21 -7.73
N LEU C 141 -20.49 21.26 -8.93
CA LEU C 141 -20.49 20.15 -9.88
C LEU C 141 -19.04 19.82 -10.24
N LYS C 142 -18.67 18.54 -10.17
CA LYS C 142 -17.27 18.16 -10.36
C LYS C 142 -17.18 17.15 -11.50
N VAL C 143 -16.16 17.34 -12.35
CA VAL C 143 -15.86 16.36 -13.43
C VAL C 143 -14.39 15.95 -13.25
N LEU C 144 -14.13 14.68 -12.95
CA LEU C 144 -12.75 14.17 -12.69
C LEU C 144 -11.85 14.28 -13.92
N ARG C 145 -12.39 14.05 -15.11
CA ARG C 145 -11.53 14.02 -16.31
C ARG C 145 -12.25 14.63 -17.51
N THR C 146 -11.70 15.70 -18.03
CA THR C 146 -12.28 16.40 -19.17
C THR C 146 -12.08 15.68 -20.49
N GLU C 147 -13.13 15.72 -21.31
CA GLU C 147 -13.28 15.09 -22.62
C GLU C 147 -14.33 15.91 -23.36
N LYS C 148 -14.39 15.76 -24.69
CA LYS C 148 -15.28 16.64 -25.46
C LYS C 148 -16.75 16.50 -25.05
N GLN C 149 -17.16 15.32 -24.56
CA GLN C 149 -18.58 15.17 -24.23
C GLN C 149 -19.00 15.94 -22.99
N TYR C 150 -18.05 16.50 -22.21
CA TYR C 150 -18.39 17.32 -21.05
C TYR C 150 -18.47 18.81 -21.39
N LEU C 151 -18.12 19.20 -22.61
CA LEU C 151 -18.14 20.61 -23.00
C LEU C 151 -19.56 21.05 -23.28
N GLY C 152 -19.84 22.32 -23.02
CA GLY C 152 -21.17 22.82 -23.25
C GLY C 152 -21.66 23.74 -22.16
N VAL C 153 -22.98 23.85 -22.00
CA VAL C 153 -23.62 24.81 -21.11
C VAL C 153 -24.24 24.07 -19.93
N TYR C 154 -23.89 24.48 -18.71
CA TYR C 154 -24.45 23.91 -17.49
C TYR C 154 -25.27 24.98 -16.78
N ILE C 155 -26.47 24.63 -16.32
CA ILE C 155 -27.35 25.57 -15.61
C ILE C 155 -27.66 25.03 -14.22
N TRP C 156 -27.37 25.85 -13.21
CA TRP C 156 -27.64 25.56 -11.82
C TRP C 156 -28.83 26.39 -11.40
N ASN C 157 -29.77 25.74 -10.70
CA ASN C 157 -30.98 26.40 -10.18
C ASN C 157 -31.23 25.91 -8.78
N MET C 158 -31.32 26.82 -7.82
CA MET C 158 -31.54 26.41 -6.44
C MET C 158 -32.78 27.13 -5.95
N ARG C 159 -33.71 26.37 -5.38
CA ARG C 159 -35.00 26.90 -4.99
C ARG C 159 -35.15 26.72 -3.49
N GLY C 160 -35.52 27.81 -2.80
CA GLY C 160 -35.72 27.77 -1.37
C GLY C 160 -37.19 27.76 -0.98
N SER C 161 -37.47 27.14 0.16
CA SER C 161 -38.81 27.19 0.74
C SER C 161 -39.18 28.57 1.24
N ASP C 162 -38.24 29.52 1.26
CA ASP C 162 -38.58 30.91 1.49
C ASP C 162 -39.03 31.63 0.24
N GLY C 163 -39.11 30.92 -0.89
CA GLY C 163 -39.67 31.48 -2.10
C GLY C 163 -38.67 31.89 -3.16
N THR C 164 -37.38 31.69 -2.92
CA THR C 164 -36.38 32.11 -3.90
C THR C 164 -36.21 31.06 -4.99
N SER C 165 -35.78 31.54 -6.17
CA SER C 165 -35.25 30.68 -7.20
C SER C 165 -34.05 31.40 -7.78
N THR C 166 -32.87 30.77 -7.72
CA THR C 166 -31.63 31.38 -8.15
C THR C 166 -31.05 30.53 -9.27
N TYR C 167 -30.52 31.18 -10.30
CA TYR C 167 -29.92 30.54 -11.46
C TYR C 167 -28.51 31.08 -11.65
N ALA C 168 -27.64 30.20 -12.13
CA ALA C 168 -26.36 30.60 -12.68
C ALA C 168 -26.03 29.68 -13.84
N THR C 169 -25.44 30.23 -14.89
CA THR C 169 -25.15 29.48 -16.10
C THR C 169 -23.66 29.53 -16.39
N PHE C 170 -23.09 28.37 -16.72
CA PHE C 170 -21.68 28.17 -16.99
C PHE C 170 -21.51 27.72 -18.44
N LEU C 171 -20.47 28.25 -19.10
CA LEU C 171 -20.08 27.81 -20.43
C LEU C 171 -18.71 27.18 -20.33
N VAL C 172 -18.64 25.85 -20.53
CA VAL C 172 -17.38 25.11 -20.46
C VAL C 172 -16.90 24.86 -21.89
N THR C 173 -15.70 25.36 -22.21
CA THR C 173 -15.13 25.21 -23.55
C THR C 173 -13.69 24.72 -23.47
N TRP C 174 -13.25 24.11 -24.56
CA TRP C 174 -11.92 23.52 -24.66
C TRP C 174 -10.88 24.59 -24.95
N LYS C 175 -9.85 24.66 -24.10
CA LYS C 175 -8.78 25.66 -24.22
C LYS C 175 -8.09 25.64 -25.57
N GLY C 176 -7.97 24.47 -26.22
CA GLY C 176 -7.25 24.35 -27.48
C GLY C 176 -7.94 24.94 -28.70
N ASP C 177 -9.18 25.45 -28.54
CA ASP C 177 -9.94 26.11 -29.61
C ASP C 177 -9.98 27.61 -29.27
N GLU C 178 -9.13 28.40 -29.94
CA GLU C 178 -9.01 29.83 -29.65
C GLU C 178 -9.96 30.62 -30.54
N LYS C 179 -10.80 31.44 -29.89
CA LYS C 179 -11.75 32.37 -30.51
C LYS C 179 -12.95 31.61 -31.08
#